data_4J40
#
_entry.id   4J40
#
_cell.length_a   106.251
_cell.length_b   106.251
_cell.length_c   193.351
_cell.angle_alpha   90.00
_cell.angle_beta   90.00
_cell.angle_gamma   90.00
#
_symmetry.space_group_name_H-M   'P 41 21 2'
#
_entity_poly.entity_id   1
_entity_poly.type   'polypeptide(L)'
_entity_poly.pdbx_seq_one_letter_code
;GAMGSEEKLREVSSQDPVTGLYNRSHFLDLMDAAVQQAVTARKPSTLAYIHLNGYPSLQADHGLSGIDLLLGQLAGLMRE
QFGEEADLARFGDSIFAALFKGKTPEQAQAALQRLLKKVENHLFELNGRSAQATLSIGVAGLDEKTAKAQDVMNRAHRCA
DDAARKGGSQIKQYNPAEELAAAAQRGDVIAILQQALETNSFRLLFQPVISLRGDSHENYEVLLRLLNPQGQEVPPAEFL
HAAKEAGLAEKIDRWVILNSIKLLAEHRAKGHQTKLFVHLSSASLQDPGLLPWLGVALKAARLPPESLVFQISEADATSY
LKQAKQLTQGLATLHCQAAISQFGCSLNPFNALKHLTVQFIKIDGSFVQDLNQVENQEILKGLIAELHEQQKLSIVPFVE
SASVLATLWQAGATYIQGYYLQGPSQAMDYDFSSGDE
;
_entity_poly.pdbx_strand_id   A,B
#
# COMPACT_ATOMS: atom_id res chain seq x y z
N ALA A 183 4.81 22.66 -0.63
CA ALA A 183 5.04 22.36 -2.04
C ALA A 183 6.35 22.96 -2.52
N ALA A 184 7.12 22.21 -3.31
CA ALA A 184 6.79 20.82 -3.63
C ALA A 184 7.87 19.89 -3.07
N GLN A 185 7.56 18.61 -2.94
CA GLN A 185 8.47 17.70 -2.23
C GLN A 185 9.24 16.70 -3.09
N ARG A 186 10.50 16.48 -2.70
CA ARG A 186 11.47 15.77 -3.51
C ARG A 186 12.66 15.39 -2.62
N GLY A 187 13.49 14.45 -3.07
CA GLY A 187 14.69 14.10 -2.33
C GLY A 187 15.25 12.70 -2.52
N ASP A 188 16.57 12.58 -2.35
CA ASP A 188 17.25 11.29 -2.35
C ASP A 188 16.89 10.55 -1.06
N VAL A 189 15.87 9.69 -1.12
CA VAL A 189 15.39 8.98 0.07
C VAL A 189 16.43 8.04 0.69
N ILE A 190 17.20 7.35 -0.15
CA ILE A 190 18.22 6.43 0.34
C ILE A 190 19.18 7.13 1.30
N ALA A 191 19.63 8.31 0.90
CA ALA A 191 20.45 9.16 1.74
C ALA A 191 19.74 9.50 3.05
N ILE A 192 18.50 9.98 2.94
CA ILE A 192 17.69 10.35 4.10
C ILE A 192 17.57 9.21 5.12
N LEU A 193 17.39 7.99 4.62
CA LEU A 193 17.38 6.79 5.46
C LEU A 193 18.74 6.60 6.12
N GLN A 194 19.80 6.75 5.33
CA GLN A 194 21.16 6.72 5.87
C GLN A 194 21.43 7.96 6.71
N GLN A 195 20.50 8.92 6.68
CA GLN A 195 20.62 10.15 7.46
C GLN A 195 19.63 10.11 8.64
N ALA A 196 18.72 9.14 8.60
CA ALA A 196 17.77 8.95 9.68
C ALA A 196 18.23 7.90 10.69
N LEU A 197 19.11 7.00 10.24
CA LEU A 197 19.50 5.84 11.02
C LEU A 197 20.50 6.12 12.16
N GLU A 198 20.78 7.40 12.41
CA GLU A 198 21.80 7.79 13.39
C GLU A 198 21.47 9.13 14.03
N THR A 199 20.75 9.96 13.28
CA THR A 199 20.10 11.13 13.87
C THR A 199 18.82 10.65 14.54
N ASN A 200 18.47 9.39 14.29
CA ASN A 200 17.25 8.79 14.79
C ASN A 200 16.01 9.63 14.47
N SER A 201 15.96 10.11 13.22
CA SER A 201 14.88 10.98 12.75
C SER A 201 13.59 10.22 12.48
N PHE A 202 13.65 8.89 12.56
CA PHE A 202 12.47 8.05 12.35
C PHE A 202 11.37 8.39 13.33
N ARG A 203 10.14 8.42 12.85
CA ARG A 203 9.00 8.66 13.74
C ARG A 203 8.16 7.39 13.85
N LEU A 204 8.08 6.85 15.06
CA LEU A 204 7.34 5.62 15.31
C LEU A 204 5.86 5.91 15.60
N LEU A 205 4.97 5.24 14.87
CA LEU A 205 3.54 5.40 15.10
C LEU A 205 2.92 4.16 15.75
N PHE A 206 1.67 4.29 16.18
CA PHE A 206 0.99 3.19 16.85
C PHE A 206 -0.48 3.12 16.46
N GLN A 207 -0.93 1.92 16.08
CA GLN A 207 -2.33 1.71 15.74
C GLN A 207 -2.89 0.56 16.58
N PRO A 208 -3.90 0.86 17.42
CA PRO A 208 -4.40 -0.10 18.40
C PRO A 208 -5.09 -1.30 17.78
N VAL A 209 -4.82 -2.49 18.31
CA VAL A 209 -5.55 -3.68 17.91
C VAL A 209 -6.60 -4.01 18.98
N ILE A 210 -7.86 -3.77 18.65
CA ILE A 210 -8.96 -3.95 19.60
C ILE A 210 -9.32 -5.42 19.74
N SER A 211 -9.50 -5.87 20.98
CA SER A 211 -9.95 -7.24 21.24
C SER A 211 -11.47 -7.32 21.20
N LEU A 212 -11.98 -8.36 20.54
CA LEU A 212 -13.41 -8.63 20.53
C LEU A 212 -13.70 -9.92 21.30
N ARG A 213 -12.75 -10.84 21.25
CA ARG A 213 -12.90 -12.16 21.85
C ARG A 213 -11.59 -12.69 22.40
N GLY A 214 -10.56 -11.85 22.40
CA GLY A 214 -9.25 -12.24 22.89
C GLY A 214 -8.98 -11.72 24.29
N ASP A 215 -7.71 -11.47 24.59
CA ASP A 215 -7.30 -10.97 25.90
C ASP A 215 -7.83 -9.57 26.17
N SER A 216 -7.59 -9.06 27.38
CA SER A 216 -7.83 -7.66 27.67
C SER A 216 -6.49 -6.94 27.78
N HIS A 217 -5.53 -7.40 26.98
CA HIS A 217 -4.25 -6.73 26.84
C HIS A 217 -4.48 -5.39 26.16
N GLU A 218 -3.45 -4.56 26.17
CA GLU A 218 -3.41 -3.44 25.25
C GLU A 218 -2.60 -3.94 24.05
N ASN A 219 -3.15 -3.79 22.86
CA ASN A 219 -2.46 -4.29 21.68
C ASN A 219 -2.19 -3.19 20.65
N TYR A 220 -0.93 -2.97 20.34
CA TYR A 220 -0.56 -1.97 19.33
C TYR A 220 0.24 -2.58 18.18
N GLU A 221 -0.01 -2.07 16.98
CA GLU A 221 0.84 -2.35 15.84
C GLU A 221 1.70 -1.11 15.62
N VAL A 222 3.02 -1.27 15.70
CA VAL A 222 3.93 -0.14 15.48
C VAL A 222 4.14 0.11 13.99
N LEU A 223 4.04 1.38 13.60
CA LEU A 223 4.24 1.77 12.21
C LEU A 223 5.44 2.71 12.09
N LEU A 224 5.86 2.99 10.86
CA LEU A 224 7.06 3.80 10.65
C LEU A 224 6.86 4.93 9.66
N ARG A 225 7.16 6.15 10.10
CA ARG A 225 7.10 7.33 9.24
C ARG A 225 8.47 7.98 9.16
N LEU A 226 8.77 8.56 8.00
CA LEU A 226 10.06 9.20 7.77
C LEU A 226 9.90 10.68 7.47
N LEU A 227 10.67 11.51 8.16
CA LEU A 227 10.66 12.95 7.91
C LEU A 227 11.84 13.33 7.02
N ASN A 228 11.56 14.01 5.91
CA ASN A 228 12.62 14.53 5.06
C ASN A 228 13.35 15.68 5.78
N PRO A 229 14.51 16.13 5.27
CA PRO A 229 15.26 17.09 6.10
C PRO A 229 14.55 18.44 6.25
N GLN A 230 13.67 18.78 5.31
CA GLN A 230 13.04 20.11 5.29
C GLN A 230 11.64 20.13 5.91
N GLY A 231 11.27 19.09 6.63
CA GLY A 231 10.01 19.08 7.35
C GLY A 231 9.03 17.96 7.05
N GLN A 232 8.32 18.07 5.94
CA GLN A 232 7.23 17.14 5.60
C GLN A 232 7.65 15.67 5.55
N GLU A 233 6.67 14.77 5.64
CA GLU A 233 6.97 13.34 5.63
C GLU A 233 6.90 12.73 4.22
N VAL A 234 7.88 11.88 3.94
CA VAL A 234 7.94 11.16 2.66
C VAL A 234 7.06 9.91 2.73
N PRO A 235 6.26 9.68 1.67
CA PRO A 235 5.37 8.51 1.57
C PRO A 235 6.04 7.19 1.98
N PRO A 236 5.30 6.35 2.71
CA PRO A 236 5.85 5.07 3.18
C PRO A 236 6.24 4.10 2.06
N ALA A 237 5.39 3.92 1.06
CA ALA A 237 5.74 3.06 -0.08
C ALA A 237 7.08 3.48 -0.66
N GLU A 238 7.20 4.78 -0.90
CA GLU A 238 8.42 5.42 -1.35
C GLU A 238 9.68 4.97 -0.59
N PHE A 239 9.70 5.22 0.73
CA PHE A 239 10.91 4.96 1.52
C PHE A 239 11.13 3.50 1.93
N LEU A 240 10.06 2.72 1.93
CA LEU A 240 10.18 1.28 2.17
C LEU A 240 10.86 0.66 0.96
N HIS A 241 10.39 1.05 -0.23
CA HIS A 241 11.03 0.60 -1.46
C HIS A 241 12.47 1.11 -1.54
N ALA A 242 12.70 2.35 -1.11
CA ALA A 242 14.05 2.89 -1.00
C ALA A 242 14.92 1.97 -0.13
N ALA A 243 14.37 1.58 1.02
CA ALA A 243 15.07 0.70 1.95
C ALA A 243 15.45 -0.62 1.31
N LYS A 244 14.52 -1.21 0.55
CA LYS A 244 14.79 -2.48 -0.13
C LYS A 244 15.83 -2.34 -1.24
N GLU A 245 15.86 -1.17 -1.89
CA GLU A 245 16.79 -0.92 -3.00
C GLU A 245 18.26 -0.87 -2.57
N ALA A 246 18.52 -0.53 -1.31
CA ALA A 246 19.88 -0.31 -0.85
C ALA A 246 20.26 -1.18 0.34
N GLY A 247 19.59 -2.32 0.49
CA GLY A 247 19.89 -3.25 1.57
C GLY A 247 19.80 -2.66 2.97
N LEU A 248 18.97 -1.63 3.13
CA LEU A 248 18.81 -0.97 4.42
C LEU A 248 17.70 -1.61 5.25
N ALA A 249 16.93 -2.49 4.62
CA ALA A 249 15.74 -3.08 5.23
C ALA A 249 15.95 -3.63 6.65
N GLU A 250 16.92 -4.54 6.80
CA GLU A 250 17.14 -5.16 8.11
C GLU A 250 17.68 -4.19 9.15
N LYS A 251 18.47 -3.21 8.70
CA LYS A 251 18.98 -2.16 9.59
C LYS A 251 17.80 -1.42 10.22
N ILE A 252 16.86 -1.03 9.37
CA ILE A 252 15.65 -0.33 9.80
C ILE A 252 14.81 -1.21 10.73
N ASP A 253 14.61 -2.46 10.32
CA ASP A 253 13.88 -3.42 11.14
C ASP A 253 14.47 -3.49 12.55
N ARG A 254 15.80 -3.54 12.63
CA ARG A 254 16.48 -3.61 13.92
C ARG A 254 16.34 -2.32 14.73
N TRP A 255 16.33 -1.17 14.04
CA TRP A 255 16.08 0.10 14.71
C TRP A 255 14.71 0.08 15.37
N VAL A 256 13.70 -0.26 14.58
CA VAL A 256 12.32 -0.37 15.06
C VAL A 256 12.20 -1.34 16.23
N ILE A 257 12.76 -2.54 16.08
CA ILE A 257 12.76 -3.54 17.16
C ILE A 257 13.35 -2.96 18.44
N LEU A 258 14.54 -2.37 18.34
CA LEU A 258 15.20 -1.72 19.48
C LEU A 258 14.30 -0.70 20.19
N ASN A 259 13.93 0.35 19.47
CA ASN A 259 13.13 1.42 20.08
C ASN A 259 11.75 0.96 20.54
N SER A 260 11.26 -0.12 19.96
CA SER A 260 10.03 -0.75 20.42
C SER A 260 10.24 -1.42 21.77
N ILE A 261 11.35 -2.15 21.91
CA ILE A 261 11.74 -2.70 23.21
C ILE A 261 11.79 -1.59 24.24
N LYS A 262 12.46 -0.49 23.89
CA LYS A 262 12.61 0.66 24.78
C LYS A 262 11.27 1.26 25.23
N LEU A 263 10.48 1.71 24.26
CA LEU A 263 9.19 2.33 24.55
C LEU A 263 8.29 1.37 25.33
N LEU A 264 8.41 0.08 25.04
CA LEU A 264 7.62 -0.93 25.75
C LEU A 264 8.10 -1.07 27.19
N ALA A 265 9.39 -0.84 27.40
CA ALA A 265 9.92 -0.83 28.76
C ALA A 265 9.33 0.36 29.53
N GLU A 266 9.37 1.53 28.90
CA GLU A 266 8.83 2.75 29.52
C GLU A 266 7.32 2.69 29.77
N HIS A 267 6.60 1.93 28.95
CA HIS A 267 5.13 1.88 29.02
C HIS A 267 4.64 0.76 29.94
N ARG A 268 5.21 -0.43 29.79
CA ARG A 268 4.82 -1.59 30.59
C ARG A 268 5.22 -1.43 32.06
N ALA A 269 6.34 -0.75 32.30
CA ALA A 269 6.78 -0.47 33.66
C ALA A 269 5.87 0.59 34.31
N LYS A 270 5.29 1.44 33.46
CA LYS A 270 4.39 2.49 33.92
C LYS A 270 3.13 1.92 34.59
N GLY A 271 2.74 0.72 34.18
CA GLY A 271 1.57 0.08 34.75
C GLY A 271 0.78 -0.70 33.73
N HIS A 272 0.79 -0.22 32.50
CA HIS A 272 0.11 -0.89 31.40
C HIS A 272 0.72 -2.28 31.16
N GLN A 273 -0.10 -3.19 30.64
CA GLN A 273 0.41 -4.49 30.20
C GLN A 273 0.11 -4.65 28.72
N THR A 274 1.03 -4.20 27.87
CA THR A 274 0.75 -4.11 26.44
C THR A 274 1.55 -5.09 25.59
N LYS A 275 1.06 -5.32 24.37
CA LYS A 275 1.75 -6.14 23.38
C LYS A 275 2.02 -5.30 22.14
N LEU A 276 3.14 -5.56 21.49
CA LEU A 276 3.45 -4.84 20.25
C LEU A 276 3.53 -5.76 19.03
N PHE A 277 2.90 -5.34 17.95
CA PHE A 277 3.03 -6.04 16.68
C PHE A 277 4.07 -5.33 15.82
N VAL A 278 5.23 -5.96 15.66
CA VAL A 278 6.35 -5.36 14.94
C VAL A 278 6.56 -6.02 13.59
N HIS A 279 6.61 -5.23 12.53
CA HIS A 279 6.79 -5.76 11.18
C HIS A 279 8.19 -6.31 10.98
N LEU A 280 8.29 -7.46 10.30
CA LEU A 280 9.57 -7.97 9.84
C LEU A 280 9.57 -8.00 8.32
N SER A 281 10.65 -7.55 7.71
CA SER A 281 10.79 -7.58 6.25
C SER A 281 11.40 -8.91 5.81
N SER A 282 11.34 -9.16 4.51
CA SER A 282 11.94 -10.37 3.93
C SER A 282 13.41 -10.46 4.29
N ALA A 283 14.10 -9.32 4.24
CA ALA A 283 15.52 -9.24 4.58
C ALA A 283 15.79 -9.82 5.97
N SER A 284 15.07 -9.31 6.96
CA SER A 284 15.21 -9.77 8.35
C SER A 284 14.84 -11.25 8.46
N LEU A 285 13.87 -11.66 7.66
CA LEU A 285 13.41 -13.05 7.64
C LEU A 285 14.57 -13.96 7.25
N GLN A 286 15.34 -13.54 6.25
CA GLN A 286 16.45 -14.35 5.74
C GLN A 286 17.66 -14.38 6.68
N ASP A 287 17.96 -13.24 7.31
CA ASP A 287 19.11 -13.14 8.22
C ASP A 287 18.95 -14.09 9.42
N PRO A 288 20.01 -14.88 9.70
CA PRO A 288 20.04 -15.84 10.80
C PRO A 288 20.53 -15.24 12.12
N GLY A 289 21.21 -14.09 12.08
CA GLY A 289 21.70 -13.45 13.29
C GLY A 289 20.61 -12.68 14.02
N LEU A 290 19.44 -12.57 13.38
CA LEU A 290 18.31 -11.84 13.94
C LEU A 290 17.90 -12.42 15.29
N LEU A 291 17.80 -13.74 15.38
CA LEU A 291 17.44 -14.39 16.65
C LEU A 291 18.42 -14.13 17.81
N PRO A 292 19.73 -14.37 17.60
CA PRO A 292 20.68 -14.06 18.67
C PRO A 292 20.66 -12.59 19.07
N TRP A 293 20.80 -11.70 18.09
CA TRP A 293 20.78 -10.25 18.36
C TRP A 293 19.54 -9.85 19.16
N LEU A 294 18.41 -10.41 18.76
CA LEU A 294 17.13 -10.18 19.44
C LEU A 294 17.20 -10.66 20.88
N GLY A 295 17.77 -11.83 21.10
CA GLY A 295 17.93 -12.38 22.43
C GLY A 295 18.69 -11.43 23.33
N VAL A 296 19.82 -10.93 22.85
CA VAL A 296 20.61 -9.97 23.64
C VAL A 296 19.82 -8.69 23.90
N ALA A 297 19.09 -8.21 22.90
CA ALA A 297 18.32 -6.97 23.04
C ALA A 297 17.19 -7.12 24.05
N LEU A 298 16.64 -8.34 24.11
CA LEU A 298 15.56 -8.68 25.01
C LEU A 298 16.05 -8.74 26.45
N LYS A 299 17.09 -9.53 26.68
CA LYS A 299 17.67 -9.64 28.02
C LYS A 299 18.17 -8.30 28.55
N ALA A 300 18.67 -7.47 27.64
CA ALA A 300 19.16 -6.13 28.00
C ALA A 300 18.09 -5.22 28.62
N ALA A 301 16.82 -5.57 28.43
CA ALA A 301 15.73 -4.75 28.95
C ALA A 301 14.72 -5.53 29.78
N ARG A 302 15.00 -6.81 30.00
CA ARG A 302 14.14 -7.68 30.82
C ARG A 302 12.68 -7.66 30.36
N LEU A 303 12.48 -7.59 29.05
CA LEU A 303 11.14 -7.52 28.49
C LEU A 303 10.38 -8.82 28.75
N PRO A 304 9.17 -8.69 29.32
CA PRO A 304 8.33 -9.83 29.75
C PRO A 304 8.12 -10.86 28.66
N PRO A 305 7.89 -12.13 29.05
CA PRO A 305 7.56 -13.18 28.08
C PRO A 305 6.28 -12.86 27.33
N GLU A 306 6.19 -13.27 26.07
CA GLU A 306 4.99 -13.07 25.25
C GLU A 306 4.59 -11.59 25.15
N SER A 307 5.59 -10.71 25.05
CA SER A 307 5.35 -9.28 25.01
C SER A 307 5.52 -8.70 23.61
N LEU A 308 6.20 -9.44 22.74
CA LEU A 308 6.44 -8.99 21.38
C LEU A 308 5.83 -9.93 20.35
N VAL A 309 5.18 -9.36 19.34
CA VAL A 309 4.60 -10.14 18.25
C VAL A 309 5.20 -9.69 16.92
N PHE A 310 5.88 -10.60 16.23
CA PHE A 310 6.52 -10.27 14.97
C PHE A 310 5.66 -10.61 13.77
N GLN A 311 5.39 -9.60 12.96
CA GLN A 311 4.41 -9.72 11.89
C GLN A 311 5.07 -9.77 10.51
N ILE A 312 4.98 -10.93 9.86
CA ILE A 312 5.49 -11.08 8.50
C ILE A 312 4.32 -11.33 7.54
N SER A 313 4.45 -10.88 6.30
CA SER A 313 3.37 -11.03 5.33
C SER A 313 3.28 -12.46 4.80
N GLU A 314 2.07 -12.88 4.45
CA GLU A 314 1.83 -14.20 3.88
C GLU A 314 2.70 -14.44 2.66
N ALA A 315 2.84 -13.42 1.82
CA ALA A 315 3.68 -13.48 0.64
C ALA A 315 5.13 -13.83 1.01
N ASP A 316 5.70 -13.09 1.94
CA ASP A 316 7.09 -13.31 2.37
C ASP A 316 7.28 -14.67 3.05
N ALA A 317 6.30 -15.09 3.85
CA ALA A 317 6.39 -16.38 4.52
C ALA A 317 6.33 -17.54 3.53
N THR A 318 5.50 -17.38 2.49
CA THR A 318 5.38 -18.36 1.42
C THR A 318 6.64 -18.41 0.55
N SER A 319 7.22 -17.24 0.27
CA SER A 319 8.40 -17.14 -0.57
C SER A 319 9.65 -17.76 0.07
N TYR A 320 9.76 -17.60 1.39
CA TYR A 320 10.91 -18.10 2.13
C TYR A 320 10.45 -19.04 3.24
N LEU A 321 9.73 -20.09 2.86
CA LEU A 321 9.04 -20.95 3.83
C LEU A 321 9.91 -21.56 4.95
N LYS A 322 11.04 -22.15 4.60
CA LYS A 322 11.87 -22.81 5.60
C LYS A 322 12.48 -21.81 6.58
N GLN A 323 12.86 -20.64 6.08
CA GLN A 323 13.41 -19.59 6.93
C GLN A 323 12.32 -18.98 7.81
N ALA A 324 11.10 -18.94 7.31
CA ALA A 324 9.97 -18.49 8.10
C ALA A 324 9.69 -19.48 9.23
N LYS A 325 9.76 -20.76 8.89
CA LYS A 325 9.62 -21.84 9.87
C LYS A 325 10.66 -21.69 10.97
N GLN A 326 11.94 -21.67 10.59
CA GLN A 326 13.02 -21.51 11.56
C GLN A 326 12.89 -20.24 12.40
N LEU A 327 12.50 -19.14 11.76
CA LEU A 327 12.30 -17.87 12.46
C LEU A 327 11.25 -18.04 13.55
N THR A 328 10.07 -18.52 13.18
CA THR A 328 8.99 -18.68 14.15
C THR A 328 9.31 -19.69 15.26
N GLN A 329 9.95 -20.80 14.87
CA GLN A 329 10.41 -21.81 15.83
C GLN A 329 11.32 -21.19 16.87
N GLY A 330 12.30 -20.41 16.41
CA GLY A 330 13.22 -19.72 17.31
C GLY A 330 12.52 -18.68 18.17
N LEU A 331 11.60 -17.94 17.55
CA LEU A 331 10.81 -16.91 18.24
C LEU A 331 10.04 -17.51 19.40
N ALA A 332 9.56 -18.74 19.23
CA ALA A 332 8.86 -19.44 20.30
C ALA A 332 9.73 -19.60 21.55
N THR A 333 10.98 -19.96 21.34
CA THR A 333 11.92 -20.18 22.44
C THR A 333 12.27 -18.88 23.18
N LEU A 334 12.19 -17.75 22.48
CA LEU A 334 12.46 -16.45 23.09
C LEU A 334 11.25 -15.93 23.83
N HIS A 335 10.19 -16.74 23.85
CA HIS A 335 8.88 -16.33 24.37
C HIS A 335 8.38 -15.08 23.67
N CYS A 336 8.36 -15.15 22.34
CA CYS A 336 7.75 -14.13 21.51
C CYS A 336 6.68 -14.78 20.67
N GLN A 337 5.81 -13.97 20.09
CA GLN A 337 4.74 -14.50 19.25
C GLN A 337 4.92 -14.06 17.81
N ALA A 338 4.19 -14.71 16.90
CA ALA A 338 4.30 -14.40 15.48
C ALA A 338 2.93 -14.13 14.88
N ALA A 339 2.93 -13.43 13.75
CA ALA A 339 1.70 -13.09 13.04
C ALA A 339 1.93 -13.12 11.54
N ILE A 340 0.97 -13.69 10.82
CA ILE A 340 0.97 -13.62 9.37
C ILE A 340 -0.04 -12.56 8.94
N SER A 341 0.40 -11.57 8.16
CA SER A 341 -0.49 -10.52 7.68
C SER A 341 -0.81 -10.73 6.20
N GLN A 342 -1.79 -9.98 5.69
CA GLN A 342 -2.26 -10.16 4.31
C GLN A 342 -2.61 -11.62 4.00
N PHE A 343 -3.10 -12.34 5.01
CA PHE A 343 -3.40 -13.76 4.88
C PHE A 343 -4.64 -14.03 4.04
N GLY A 344 -4.55 -15.06 3.19
CA GLY A 344 -5.71 -15.53 2.44
C GLY A 344 -5.65 -15.38 0.94
N CYS A 345 -4.58 -14.82 0.42
CA CYS A 345 -4.48 -14.54 -1.02
C CYS A 345 -3.78 -15.64 -1.81
N SER A 346 -2.88 -16.36 -1.14
CA SER A 346 -2.14 -17.44 -1.78
C SER A 346 -3.07 -18.59 -2.16
N LEU A 347 -2.59 -19.48 -3.04
CA LEU A 347 -3.40 -20.58 -3.57
C LEU A 347 -4.02 -21.45 -2.49
N ASN A 348 -3.21 -21.89 -1.54
CA ASN A 348 -3.70 -22.66 -0.40
C ASN A 348 -3.13 -22.13 0.91
N PRO A 349 -3.71 -21.03 1.40
CA PRO A 349 -3.22 -20.21 2.51
C PRO A 349 -2.93 -21.00 3.78
N PHE A 350 -3.71 -22.04 4.04
CA PHE A 350 -3.59 -22.82 5.27
C PHE A 350 -2.44 -23.83 5.26
N ASN A 351 -1.93 -24.14 4.07
CA ASN A 351 -0.79 -25.06 3.95
C ASN A 351 0.48 -24.54 4.59
N ALA A 352 0.83 -23.29 4.27
CA ALA A 352 2.02 -22.67 4.82
C ALA A 352 1.95 -22.57 6.35
N LEU A 353 0.73 -22.39 6.85
CA LEU A 353 0.50 -22.27 8.30
C LEU A 353 0.84 -23.54 9.07
N LYS A 354 0.81 -24.68 8.39
CA LYS A 354 1.12 -25.97 9.02
C LYS A 354 2.56 -26.02 9.55
N HIS A 355 3.47 -25.39 8.82
CA HIS A 355 4.89 -25.45 9.15
C HIS A 355 5.35 -24.25 9.99
N LEU A 356 4.44 -23.33 10.23
CA LEU A 356 4.77 -22.10 10.96
C LEU A 356 4.24 -22.11 12.40
N THR A 357 5.02 -21.56 13.33
CA THR A 357 4.56 -21.33 14.69
C THR A 357 4.02 -19.90 14.78
N VAL A 358 2.70 -19.78 14.56
CA VAL A 358 2.04 -18.48 14.56
C VAL A 358 0.77 -18.52 15.42
N GLN A 359 0.46 -17.41 16.07
CA GLN A 359 -0.71 -17.33 16.93
C GLN A 359 -1.76 -16.39 16.33
N PHE A 360 -1.29 -15.27 15.77
CA PHE A 360 -2.18 -14.30 15.17
C PHE A 360 -2.16 -14.39 13.65
N ILE A 361 -3.34 -14.45 13.05
CA ILE A 361 -3.44 -14.42 11.60
C ILE A 361 -4.19 -13.16 11.17
N LYS A 362 -3.50 -12.23 10.51
CA LYS A 362 -4.13 -10.99 10.08
C LYS A 362 -4.62 -11.10 8.65
N ILE A 363 -5.94 -11.08 8.49
CA ILE A 363 -6.59 -11.31 7.21
C ILE A 363 -6.38 -10.15 6.23
N ASP A 364 -6.14 -10.48 4.96
CA ASP A 364 -5.96 -9.48 3.92
C ASP A 364 -7.19 -8.58 3.77
N GLY A 365 -6.97 -7.30 3.50
CA GLY A 365 -8.04 -6.32 3.40
C GLY A 365 -9.00 -6.56 2.26
N SER A 366 -8.58 -7.34 1.26
CA SER A 366 -9.44 -7.66 0.12
C SER A 366 -10.70 -8.38 0.58
N PHE A 367 -10.60 -9.09 1.70
CA PHE A 367 -11.74 -9.80 2.28
C PHE A 367 -12.72 -8.83 2.94
N VAL A 368 -12.21 -7.66 3.34
CA VAL A 368 -13.05 -6.63 3.96
C VAL A 368 -13.38 -5.55 2.94
N GLN A 369 -13.88 -5.98 1.79
CA GLN A 369 -14.39 -5.07 0.77
C GLN A 369 -15.77 -5.57 0.37
N ASP A 370 -16.68 -4.65 0.08
CA ASP A 370 -18.01 -5.00 -0.42
C ASP A 370 -18.69 -6.04 0.46
N LEU A 371 -18.68 -5.79 1.77
CA LEU A 371 -19.31 -6.70 2.74
C LEU A 371 -20.82 -6.50 2.75
N ASN A 372 -21.28 -5.45 2.08
CA ASN A 372 -22.71 -5.25 1.86
C ASN A 372 -23.30 -6.39 1.04
N GLN A 373 -22.45 -7.06 0.26
CA GLN A 373 -22.83 -8.31 -0.39
C GLN A 373 -22.79 -9.45 0.63
N VAL A 374 -23.79 -10.34 0.57
CA VAL A 374 -23.90 -11.45 1.51
C VAL A 374 -22.85 -12.55 1.27
N GLU A 375 -22.52 -12.78 0.00
CA GLU A 375 -21.55 -13.80 -0.37
C GLU A 375 -20.19 -13.58 0.29
N ASN A 376 -19.71 -12.35 0.20
CA ASN A 376 -18.45 -11.97 0.85
C ASN A 376 -18.49 -12.21 2.35
N GLN A 377 -19.63 -11.92 2.97
CA GLN A 377 -19.84 -12.17 4.39
C GLN A 377 -19.66 -13.66 4.68
N GLU A 378 -20.26 -14.50 3.84
CA GLU A 378 -20.10 -15.95 3.98
C GLU A 378 -18.65 -16.39 3.86
N ILE A 379 -17.95 -15.90 2.84
CA ILE A 379 -16.54 -16.19 2.64
C ILE A 379 -15.71 -15.85 3.87
N LEU A 380 -15.85 -14.61 4.34
CA LEU A 380 -15.14 -14.11 5.51
C LEU A 380 -15.41 -14.99 6.72
N LYS A 381 -16.68 -15.26 6.97
CA LYS A 381 -17.10 -16.08 8.11
C LYS A 381 -16.45 -17.45 8.05
N GLY A 382 -16.38 -18.03 6.85
CA GLY A 382 -15.71 -19.32 6.66
C GLY A 382 -14.23 -19.26 6.97
N LEU A 383 -13.56 -18.24 6.43
CA LEU A 383 -12.13 -18.02 6.67
C LEU A 383 -11.84 -17.96 8.17
N ILE A 384 -12.54 -17.07 8.86
CA ILE A 384 -12.38 -16.91 10.30
C ILE A 384 -12.71 -18.19 11.06
N ALA A 385 -13.73 -18.92 10.58
CA ALA A 385 -14.13 -20.17 11.21
C ALA A 385 -13.02 -21.22 11.17
N GLU A 386 -12.44 -21.42 9.99
CA GLU A 386 -11.35 -22.38 9.85
C GLU A 386 -10.11 -21.92 10.63
N LEU A 387 -9.88 -20.61 10.63
CA LEU A 387 -8.82 -20.03 11.45
C LEU A 387 -9.03 -20.37 12.94
N HIS A 388 -10.28 -20.37 13.36
CA HIS A 388 -10.65 -20.69 14.73
C HIS A 388 -10.44 -22.18 14.99
N GLU A 389 -10.66 -23.01 13.97
CA GLU A 389 -10.46 -24.45 14.12
C GLU A 389 -8.99 -24.81 14.31
N GLN A 390 -8.10 -23.90 13.92
CA GLN A 390 -6.67 -24.11 14.09
C GLN A 390 -6.15 -23.30 15.29
N GLN A 391 -7.04 -23.04 16.24
CA GLN A 391 -6.78 -22.15 17.39
C GLN A 391 -5.93 -20.91 17.11
N LYS A 392 -6.02 -20.38 15.89
CA LYS A 392 -5.35 -19.14 15.55
C LYS A 392 -6.24 -17.97 15.95
N LEU A 393 -5.65 -16.80 16.16
CA LEU A 393 -6.43 -15.61 16.51
C LEU A 393 -6.55 -14.69 15.29
N SER A 394 -7.74 -14.59 14.73
CA SER A 394 -7.96 -13.76 13.55
C SER A 394 -7.98 -12.27 13.89
N ILE A 395 -7.19 -11.50 13.13
CA ILE A 395 -7.22 -10.04 13.19
C ILE A 395 -7.76 -9.53 11.85
N VAL A 396 -8.78 -8.69 11.91
CA VAL A 396 -9.37 -8.14 10.69
C VAL A 396 -9.22 -6.62 10.67
N PRO A 397 -8.62 -6.08 9.61
CA PRO A 397 -8.34 -4.64 9.57
C PRO A 397 -9.40 -3.85 8.81
N PHE A 398 -9.23 -2.53 8.78
CA PHE A 398 -10.07 -1.62 8.02
C PHE A 398 -11.52 -1.47 8.52
N VAL A 399 -11.73 -1.67 9.82
CA VAL A 399 -13.00 -1.33 10.44
C VAL A 399 -13.19 0.18 10.31
N GLU A 400 -14.01 0.59 9.35
CA GLU A 400 -14.11 2.00 8.98
C GLU A 400 -15.39 2.68 9.49
N SER A 401 -16.26 1.91 10.13
CA SER A 401 -17.49 2.44 10.70
C SER A 401 -18.05 1.48 11.73
N ALA A 402 -19.02 1.93 12.50
CA ALA A 402 -19.68 1.06 13.48
C ALA A 402 -20.32 -0.14 12.79
N SER A 403 -20.96 0.11 11.66
CA SER A 403 -21.56 -0.93 10.83
C SER A 403 -20.60 -2.09 10.51
N VAL A 404 -19.43 -1.75 9.97
CA VAL A 404 -18.42 -2.74 9.64
C VAL A 404 -17.98 -3.52 10.88
N LEU A 405 -17.84 -2.81 12.01
CA LEU A 405 -17.49 -3.45 13.27
C LEU A 405 -18.51 -4.51 13.63
N ALA A 406 -19.79 -4.15 13.50
CA ALA A 406 -20.87 -5.10 13.71
C ALA A 406 -20.72 -6.33 12.82
N THR A 407 -20.54 -6.09 11.52
CA THR A 407 -20.39 -7.17 10.54
C THR A 407 -19.24 -8.11 10.88
N LEU A 408 -18.16 -7.54 11.39
CA LEU A 408 -16.97 -8.32 11.73
C LEU A 408 -17.17 -9.12 13.02
N TRP A 409 -17.85 -8.52 14.00
CA TRP A 409 -18.19 -9.26 15.21
C TRP A 409 -19.03 -10.46 14.83
N GLN A 410 -19.97 -10.23 13.91
CA GLN A 410 -20.79 -11.31 13.36
C GLN A 410 -19.92 -12.40 12.73
N ALA A 411 -18.97 -11.97 11.91
CA ALA A 411 -18.08 -12.89 11.21
C ALA A 411 -17.26 -13.78 12.15
N GLY A 412 -17.04 -13.30 13.37
CA GLY A 412 -16.34 -14.10 14.36
C GLY A 412 -14.91 -13.67 14.63
N ALA A 413 -14.52 -12.52 14.11
CA ALA A 413 -13.18 -11.99 14.32
C ALA A 413 -12.85 -11.85 15.80
N THR A 414 -11.66 -12.31 16.20
CA THR A 414 -11.25 -12.26 17.60
C THR A 414 -10.51 -10.96 17.93
N TYR A 415 -9.94 -10.34 16.90
CA TYR A 415 -9.38 -8.99 17.03
C TYR A 415 -9.77 -8.17 15.81
N ILE A 416 -9.86 -6.86 15.98
CA ILE A 416 -10.12 -5.95 14.86
C ILE A 416 -9.20 -4.73 14.93
N GLN A 417 -9.21 -3.93 13.87
CA GLN A 417 -8.35 -2.75 13.78
C GLN A 417 -8.88 -1.83 12.69
N GLY A 418 -8.93 -0.52 12.96
CA GLY A 418 -9.45 0.41 11.99
C GLY A 418 -9.36 1.86 12.42
N TYR A 419 -9.63 2.77 11.48
CA TYR A 419 -9.60 4.20 11.75
C TYR A 419 -10.85 4.63 12.50
N TYR A 420 -11.92 3.84 12.38
CA TYR A 420 -13.13 4.11 13.16
C TYR A 420 -12.85 3.85 14.64
N LEU A 421 -11.89 2.98 14.91
CA LEU A 421 -11.48 2.68 16.26
C LEU A 421 -10.40 3.68 16.66
N GLN A 422 -9.31 3.68 15.89
CA GLN A 422 -8.20 4.61 16.09
C GLN A 422 -7.17 4.44 14.98
N GLY A 423 -6.82 5.54 14.34
CA GLY A 423 -5.78 5.50 13.32
C GLY A 423 -4.40 5.48 13.96
N PRO A 424 -3.35 5.49 13.13
CA PRO A 424 -1.98 5.53 13.65
C PRO A 424 -1.74 6.81 14.45
N SER A 425 -1.36 6.66 15.72
CA SER A 425 -1.11 7.80 16.59
C SER A 425 0.36 7.90 16.95
N GLN A 426 0.79 9.06 17.41
CA GLN A 426 2.18 9.26 17.84
C GLN A 426 2.43 8.63 19.20
N ALA A 427 1.36 8.42 19.98
CA ALA A 427 1.50 7.89 21.34
C ALA A 427 0.52 6.77 21.64
N MET A 428 0.95 5.83 22.49
CA MET A 428 0.07 4.77 22.95
C MET A 428 -0.97 5.33 23.91
N ASP A 429 -1.96 6.03 23.35
CA ASP A 429 -2.96 6.77 24.13
C ASP A 429 -4.25 5.99 24.34
N TYR A 430 -4.55 5.06 23.42
CA TYR A 430 -5.87 4.43 23.36
C TYR A 430 -6.41 3.89 24.67
N ASP A 431 -7.59 4.37 25.06
CA ASP A 431 -8.28 3.84 26.22
C ASP A 431 -8.96 2.54 25.84
N PHE A 432 -8.42 1.43 26.36
CA PHE A 432 -8.88 0.10 25.97
C PHE A 432 -10.07 -0.40 26.79
N SER A 433 -10.71 0.52 27.51
CA SER A 433 -11.86 0.17 28.34
C SER A 433 -12.94 1.24 28.32
N ALA B 183 -3.52 15.93 16.95
CA ALA B 183 -2.74 14.70 17.11
C ALA B 183 -2.91 14.10 18.51
N ALA B 184 -3.47 12.90 18.58
CA ALA B 184 -3.92 12.16 17.41
C ALA B 184 -5.34 11.63 17.59
N GLN B 185 -5.96 11.19 16.49
CA GLN B 185 -7.39 10.91 16.48
C GLN B 185 -7.86 9.85 15.49
N ARG B 186 -9.18 9.79 15.32
CA ARG B 186 -9.85 8.74 14.54
C ARG B 186 -11.05 9.32 13.79
N GLY B 187 -12.00 8.46 13.41
CA GLY B 187 -13.22 8.91 12.75
C GLY B 187 -13.96 7.87 11.94
N ASP B 188 -15.25 8.12 11.70
CA ASP B 188 -16.06 7.27 10.82
C ASP B 188 -15.73 7.63 9.38
N VAL B 189 -14.77 6.93 8.79
CA VAL B 189 -14.28 7.24 7.44
C VAL B 189 -15.36 7.18 6.36
N ILE B 190 -16.34 6.29 6.51
CA ILE B 190 -17.44 6.19 5.56
C ILE B 190 -18.28 7.47 5.59
N ALA B 191 -18.60 7.93 6.80
CA ALA B 191 -19.30 9.18 7.00
C ALA B 191 -18.53 10.35 6.39
N ILE B 192 -17.23 10.43 6.71
CA ILE B 192 -16.38 11.50 6.20
C ILE B 192 -16.27 11.47 4.68
N LEU B 193 -16.33 10.27 4.10
CA LEU B 193 -16.32 10.11 2.64
C LEU B 193 -17.58 10.68 2.03
N GLN B 194 -18.73 10.21 2.51
CA GLN B 194 -20.02 10.71 2.04
C GLN B 194 -20.15 12.23 2.23
N GLN B 195 -19.51 12.74 3.29
CA GLN B 195 -19.44 14.16 3.56
C GLN B 195 -18.62 14.87 2.48
N ALA B 196 -17.37 14.44 2.32
CA ALA B 196 -16.42 15.08 1.42
C ALA B 196 -16.86 15.03 -0.04
N LEU B 197 -17.76 14.12 -0.37
CA LEU B 197 -18.31 14.06 -1.71
C LEU B 197 -19.21 15.28 -1.98
N GLU B 198 -19.61 15.96 -0.90
CA GLU B 198 -20.50 17.11 -1.02
C GLU B 198 -19.80 18.43 -0.69
N THR B 199 -19.04 18.46 0.40
CA THR B 199 -18.22 19.63 0.72
C THR B 199 -17.00 19.72 -0.19
N ASN B 200 -16.83 18.70 -1.05
CA ASN B 200 -15.67 18.61 -1.94
C ASN B 200 -14.35 18.78 -1.19
N SER B 201 -14.29 18.19 0.00
CA SER B 201 -13.12 18.29 0.87
C SER B 201 -11.93 17.51 0.34
N PHE B 202 -12.20 16.64 -0.64
CA PHE B 202 -11.18 15.82 -1.27
C PHE B 202 -9.97 16.63 -1.72
N ARG B 203 -8.77 16.16 -1.38
CA ARG B 203 -7.54 16.81 -1.80
C ARG B 203 -6.88 16.04 -2.93
N LEU B 204 -6.72 16.70 -4.07
CA LEU B 204 -6.11 16.08 -5.23
C LEU B 204 -4.59 16.32 -5.26
N LEU B 205 -3.82 15.25 -5.42
CA LEU B 205 -2.37 15.36 -5.48
C LEU B 205 -1.83 14.93 -6.84
N PHE B 206 -0.60 15.34 -7.15
CA PHE B 206 0.03 14.98 -8.41
C PHE B 206 1.46 14.52 -8.20
N GLN B 207 1.86 13.50 -8.94
CA GLN B 207 3.24 13.01 -8.91
C GLN B 207 3.71 12.76 -10.35
N PRO B 208 4.70 13.53 -10.80
CA PRO B 208 5.15 13.55 -12.20
C PRO B 208 5.68 12.21 -12.69
N VAL B 209 5.33 11.85 -13.92
CA VAL B 209 5.91 10.69 -14.57
C VAL B 209 6.91 11.15 -15.62
N ILE B 210 8.17 10.82 -15.44
CA ILE B 210 9.25 11.40 -16.24
C ILE B 210 9.60 10.52 -17.43
N SER B 211 9.90 11.16 -18.57
CA SER B 211 10.22 10.46 -19.79
C SER B 211 11.72 10.15 -19.88
N LEU B 212 12.04 8.95 -20.35
CA LEU B 212 13.42 8.56 -20.58
C LEU B 212 13.61 8.24 -22.06
N ARG B 213 12.55 7.69 -22.67
CA ARG B 213 12.59 7.24 -24.05
C ARG B 213 11.30 7.54 -24.80
N GLY B 214 10.38 8.23 -24.13
CA GLY B 214 9.07 8.51 -24.73
C GLY B 214 8.91 9.95 -25.16
N ASP B 215 7.68 10.44 -25.10
CA ASP B 215 7.36 11.83 -25.45
C ASP B 215 8.10 12.82 -24.55
N SER B 216 8.10 14.09 -24.92
CA SER B 216 8.46 15.12 -23.97
C SER B 216 7.27 15.25 -23.03
N HIS B 217 6.27 16.02 -23.46
CA HIS B 217 4.98 16.09 -22.77
C HIS B 217 5.11 16.51 -21.31
N GLU B 218 4.00 16.40 -20.59
CA GLU B 218 4.02 16.50 -19.13
C GLU B 218 3.10 15.41 -18.59
N ASN B 219 3.64 14.52 -17.77
CA ASN B 219 2.85 13.41 -17.29
C ASN B 219 2.75 13.39 -15.77
N TYR B 220 1.52 13.54 -15.27
CA TYR B 220 1.27 13.42 -13.84
C TYR B 220 0.37 12.22 -13.55
N GLU B 221 0.71 11.51 -12.48
CA GLU B 221 -0.22 10.55 -11.91
C GLU B 221 -0.97 11.31 -10.84
N VAL B 222 -2.29 11.32 -10.91
CA VAL B 222 -3.08 11.99 -9.89
C VAL B 222 -3.46 11.02 -8.76
N LEU B 223 -3.12 11.41 -7.53
CA LEU B 223 -3.42 10.60 -6.36
C LEU B 223 -4.50 11.31 -5.56
N LEU B 224 -5.22 10.57 -4.72
CA LEU B 224 -6.28 11.16 -3.92
C LEU B 224 -6.04 11.05 -2.42
N ARG B 225 -6.00 12.20 -1.75
CA ARG B 225 -5.86 12.24 -0.30
C ARG B 225 -7.16 12.80 0.29
N LEU B 226 -7.48 12.38 1.51
CA LEU B 226 -8.72 12.80 2.17
C LEU B 226 -8.44 13.46 3.52
N LEU B 227 -9.15 14.55 3.79
CA LEU B 227 -8.99 15.24 5.08
C LEU B 227 -10.12 14.88 6.03
N ASN B 228 -9.76 14.55 7.27
CA ASN B 228 -10.77 14.35 8.31
C ASN B 228 -11.32 15.70 8.74
N PRO B 229 -12.50 15.72 9.39
CA PRO B 229 -13.12 17.01 9.73
C PRO B 229 -12.24 17.90 10.61
N GLN B 230 -11.37 17.31 11.42
CA GLN B 230 -10.56 18.09 12.36
C GLN B 230 -9.10 18.35 11.92
N GLY B 231 -8.84 18.26 10.62
CA GLY B 231 -7.54 18.67 10.10
C GLY B 231 -6.68 17.62 9.42
N GLN B 232 -6.13 16.70 10.21
CA GLN B 232 -5.20 15.69 9.70
C GLN B 232 -5.79 14.88 8.54
N GLU B 233 -4.94 14.36 7.66
CA GLU B 233 -5.43 13.52 6.58
C GLU B 233 -5.45 12.04 6.97
N VAL B 234 -6.48 11.33 6.50
CA VAL B 234 -6.67 9.92 6.83
C VAL B 234 -5.89 9.02 5.86
N PRO B 235 -5.16 8.03 6.42
CA PRO B 235 -4.36 7.07 5.64
C PRO B 235 -5.10 6.51 4.44
N PRO B 236 -4.51 6.65 3.24
CA PRO B 236 -5.16 6.28 1.98
C PRO B 236 -5.64 4.84 1.91
N ALA B 237 -4.90 3.91 2.51
CA ALA B 237 -5.34 2.53 2.56
C ALA B 237 -6.70 2.43 3.26
N GLU B 238 -6.77 3.06 4.42
CA GLU B 238 -7.97 3.06 5.25
C GLU B 238 -9.20 3.63 4.53
N PHE B 239 -9.07 4.82 3.94
CA PHE B 239 -10.23 5.44 3.27
C PHE B 239 -10.56 4.78 1.93
N LEU B 240 -9.55 4.25 1.25
CA LEU B 240 -9.79 3.51 0.03
C LEU B 240 -10.60 2.25 0.33
N HIS B 241 -10.28 1.60 1.45
CA HIS B 241 -11.08 0.46 1.89
C HIS B 241 -12.48 0.89 2.33
N ALA B 242 -12.56 2.05 3.00
CA ALA B 242 -13.85 2.62 3.38
C ALA B 242 -14.78 2.73 2.19
N ALA B 243 -14.25 3.31 1.12
CA ALA B 243 -15.00 3.50 -0.12
C ALA B 243 -15.55 2.20 -0.68
N LYS B 244 -14.79 1.11 -0.54
CA LYS B 244 -15.21 -0.19 -1.04
C LYS B 244 -16.23 -0.85 -0.13
N GLU B 245 -16.12 -0.60 1.18
CA GLU B 245 -17.05 -1.16 2.14
C GLU B 245 -18.44 -0.54 2.01
N ALA B 246 -18.48 0.70 1.54
CA ALA B 246 -19.75 1.42 1.38
C ALA B 246 -20.22 1.41 -0.07
N GLY B 247 -19.49 0.70 -0.94
CA GLY B 247 -19.82 0.65 -2.36
C GLY B 247 -19.56 1.96 -3.08
N LEU B 248 -19.06 2.94 -2.34
CA LEU B 248 -18.85 4.29 -2.83
C LEU B 248 -17.85 4.39 -3.97
N ALA B 249 -16.98 3.38 -4.09
CA ALA B 249 -15.87 3.34 -5.04
C ALA B 249 -16.07 4.15 -6.32
N GLU B 250 -16.90 3.63 -7.23
CA GLU B 250 -17.12 4.28 -8.53
C GLU B 250 -17.47 5.76 -8.43
N LYS B 251 -18.39 6.10 -7.52
CA LYS B 251 -18.78 7.50 -7.38
C LYS B 251 -17.55 8.38 -7.14
N ILE B 252 -16.71 7.94 -6.20
CA ILE B 252 -15.47 8.64 -5.90
C ILE B 252 -14.62 8.82 -7.16
N ASP B 253 -14.50 7.75 -7.94
CA ASP B 253 -13.76 7.80 -9.19
C ASP B 253 -14.32 8.94 -10.05
N ARG B 254 -15.65 8.96 -10.20
CA ARG B 254 -16.30 9.97 -11.03
C ARG B 254 -16.02 11.38 -10.54
N TRP B 255 -15.78 11.51 -9.24
CA TRP B 255 -15.39 12.81 -8.71
C TRP B 255 -14.02 13.18 -9.28
N VAL B 256 -13.04 12.31 -9.05
CA VAL B 256 -11.67 12.54 -9.52
C VAL B 256 -11.65 12.86 -11.02
N ILE B 257 -12.16 11.93 -11.82
CA ILE B 257 -12.26 12.10 -13.27
C ILE B 257 -12.81 13.47 -13.64
N LEU B 258 -13.79 13.94 -12.88
CA LEU B 258 -14.33 15.28 -13.13
C LEU B 258 -13.26 16.34 -12.88
N ASN B 259 -12.84 16.45 -11.62
CA ASN B 259 -11.93 17.53 -11.22
C ASN B 259 -10.66 17.56 -12.07
N SER B 260 -10.04 16.39 -12.25
CA SER B 260 -8.90 16.25 -13.14
C SER B 260 -9.13 17.00 -14.45
N ILE B 261 -10.20 16.64 -15.16
CA ILE B 261 -10.53 17.28 -16.44
C ILE B 261 -10.54 18.80 -16.29
N LYS B 262 -11.24 19.29 -15.27
CA LYS B 262 -11.30 20.72 -15.00
C LYS B 262 -9.88 21.26 -14.82
N LEU B 263 -9.12 20.62 -13.93
CA LEU B 263 -7.74 21.02 -13.66
C LEU B 263 -6.92 20.97 -14.94
N LEU B 264 -7.30 20.06 -15.83
CA LEU B 264 -6.59 19.89 -17.10
C LEU B 264 -6.97 21.00 -18.06
N ALA B 265 -8.25 21.38 -18.05
CA ALA B 265 -8.72 22.45 -18.92
C ALA B 265 -8.09 23.78 -18.50
N GLU B 266 -7.73 23.87 -17.23
CA GLU B 266 -7.04 25.03 -16.69
C GLU B 266 -5.55 24.99 -17.06
N HIS B 267 -5.03 23.79 -17.30
CA HIS B 267 -3.60 23.63 -17.57
C HIS B 267 -3.30 23.54 -19.07
N ARG B 268 -4.01 22.66 -19.78
CA ARG B 268 -3.84 22.53 -21.22
C ARG B 268 -4.17 23.83 -21.95
N ALA B 269 -5.17 24.54 -21.47
CA ALA B 269 -5.48 25.87 -22.00
C ALA B 269 -4.70 26.94 -21.24
N LYS B 270 -3.44 26.64 -20.94
CA LYS B 270 -2.54 27.58 -20.30
C LYS B 270 -1.18 27.51 -21.02
N GLY B 271 -1.08 26.60 -21.99
CA GLY B 271 0.12 26.49 -22.80
C GLY B 271 0.90 25.20 -22.58
N HIS B 272 0.67 24.57 -21.44
CA HIS B 272 1.28 23.29 -21.14
C HIS B 272 0.42 22.20 -21.78
N GLN B 273 1.05 21.23 -22.45
CA GLN B 273 0.32 20.05 -22.88
C GLN B 273 0.66 18.88 -21.96
N THR B 274 -0.25 18.54 -21.06
CA THR B 274 0.02 17.53 -20.05
C THR B 274 -0.94 16.34 -20.13
N LYS B 275 -0.46 15.18 -19.68
CA LYS B 275 -1.31 14.00 -19.54
C LYS B 275 -1.53 13.71 -18.07
N LEU B 276 -2.71 13.17 -17.74
CA LEU B 276 -2.98 12.75 -16.37
C LEU B 276 -3.22 11.25 -16.29
N PHE B 277 -2.59 10.61 -15.31
CA PHE B 277 -2.84 9.21 -15.02
C PHE B 277 -3.85 9.09 -13.88
N VAL B 278 -5.09 8.74 -14.23
CA VAL B 278 -6.16 8.62 -13.25
C VAL B 278 -6.49 7.16 -12.94
N HIS B 279 -6.62 6.83 -11.66
CA HIS B 279 -6.89 5.46 -11.26
C HIS B 279 -8.35 5.08 -11.48
N LEU B 280 -8.58 3.83 -11.88
CA LEU B 280 -9.92 3.27 -11.95
C LEU B 280 -10.03 2.07 -11.01
N SER B 281 -11.08 2.06 -10.18
CA SER B 281 -11.30 0.93 -9.28
C SER B 281 -12.09 -0.16 -10.00
N SER B 282 -12.04 -1.38 -9.45
CA SER B 282 -12.75 -2.52 -10.02
C SER B 282 -14.23 -2.21 -10.24
N ALA B 283 -14.81 -1.45 -9.32
CA ALA B 283 -16.19 -1.01 -9.44
C ALA B 283 -16.44 -0.26 -10.74
N SER B 284 -15.68 0.82 -10.93
CA SER B 284 -15.75 1.63 -12.14
C SER B 284 -15.46 0.81 -13.38
N LEU B 285 -14.57 -0.16 -13.25
CA LEU B 285 -14.21 -1.07 -14.34
C LEU B 285 -15.45 -1.85 -14.79
N GLN B 286 -16.14 -2.45 -13.82
CA GLN B 286 -17.27 -3.32 -14.12
C GLN B 286 -18.50 -2.57 -14.67
N ASP B 287 -18.81 -1.43 -14.08
CA ASP B 287 -19.98 -0.63 -14.49
C ASP B 287 -19.86 -0.15 -15.93
N PRO B 288 -20.83 -0.56 -16.76
CA PRO B 288 -20.87 -0.21 -18.19
C PRO B 288 -21.22 1.25 -18.42
N GLY B 289 -22.01 1.85 -17.51
CA GLY B 289 -22.43 3.23 -17.66
C GLY B 289 -21.31 4.26 -17.59
N LEU B 290 -20.14 3.81 -17.12
CA LEU B 290 -18.99 4.70 -16.97
C LEU B 290 -18.60 5.40 -18.27
N LEU B 291 -18.16 4.65 -19.27
CA LEU B 291 -17.71 5.25 -20.53
C LEU B 291 -18.75 6.13 -21.28
N PRO B 292 -20.04 5.74 -21.23
CA PRO B 292 -21.07 6.69 -21.71
C PRO B 292 -21.10 7.97 -20.89
N TRP B 293 -21.08 7.86 -19.57
CA TRP B 293 -21.06 9.04 -18.69
C TRP B 293 -19.86 9.93 -18.95
N LEU B 294 -18.74 9.30 -19.27
CA LEU B 294 -17.50 9.98 -19.61
C LEU B 294 -17.67 10.67 -20.94
N GLY B 295 -18.49 10.06 -21.80
CA GLY B 295 -18.79 10.59 -23.11
C GLY B 295 -19.68 11.83 -23.10
N VAL B 296 -19.85 12.43 -21.93
CA VAL B 296 -20.56 13.70 -21.80
C VAL B 296 -19.71 14.73 -21.04
N ALA B 297 -18.62 14.26 -20.44
CA ALA B 297 -17.79 15.10 -19.56
C ALA B 297 -16.59 15.75 -20.24
N LEU B 298 -15.84 14.98 -21.04
CA LEU B 298 -14.68 15.50 -21.75
C LEU B 298 -15.06 16.66 -22.66
N LYS B 299 -15.75 16.32 -23.74
CA LYS B 299 -16.26 17.26 -24.73
C LYS B 299 -17.09 18.41 -24.15
N ALA B 300 -17.39 18.33 -22.86
CA ALA B 300 -18.00 19.45 -22.15
C ALA B 300 -16.92 20.47 -21.81
N ALA B 301 -15.67 20.02 -21.80
CA ALA B 301 -14.53 20.89 -21.54
C ALA B 301 -13.59 20.95 -22.74
N ARG B 302 -14.01 20.31 -23.83
CA ARG B 302 -13.25 20.27 -25.08
C ARG B 302 -11.81 19.82 -24.84
N LEU B 303 -11.66 18.75 -24.07
CA LEU B 303 -10.33 18.26 -23.70
C LEU B 303 -9.69 17.50 -24.85
N PRO B 304 -8.46 17.92 -25.24
CA PRO B 304 -7.69 17.36 -26.37
C PRO B 304 -7.65 15.84 -26.36
N PRO B 305 -7.56 15.25 -27.57
CA PRO B 305 -7.45 13.79 -27.71
C PRO B 305 -6.21 13.25 -27.04
N GLU B 306 -6.24 12.00 -26.59
CA GLU B 306 -5.08 11.32 -25.99
C GLU B 306 -4.47 12.11 -24.83
N SER B 307 -5.33 12.76 -24.06
CA SER B 307 -4.89 13.64 -22.98
C SER B 307 -5.15 13.03 -21.59
N LEU B 308 -5.70 11.82 -21.58
CA LEU B 308 -6.12 11.20 -20.33
C LEU B 308 -5.74 9.72 -20.30
N VAL B 309 -5.12 9.28 -19.20
CA VAL B 309 -4.73 7.88 -19.07
C VAL B 309 -5.37 7.23 -17.84
N PHE B 310 -6.15 6.17 -18.08
CA PHE B 310 -6.83 5.46 -17.00
C PHE B 310 -6.02 4.27 -16.52
N GLN B 311 -5.67 4.29 -15.23
CA GLN B 311 -4.77 3.32 -14.65
C GLN B 311 -5.54 2.28 -13.84
N ILE B 312 -5.51 1.03 -14.28
CA ILE B 312 -6.13 -0.07 -13.54
C ILE B 312 -5.08 -1.10 -13.14
N SER B 313 -5.24 -1.71 -11.96
CA SER B 313 -4.28 -2.70 -11.48
C SER B 313 -4.32 -3.98 -12.30
N GLU B 314 -3.22 -4.71 -12.32
CA GLU B 314 -3.15 -5.99 -13.04
C GLU B 314 -4.10 -7.00 -12.39
N ALA B 315 -4.29 -6.87 -11.08
CA ALA B 315 -5.25 -7.70 -10.36
C ALA B 315 -6.65 -7.52 -10.94
N ASP B 316 -7.15 -6.29 -10.92
CA ASP B 316 -8.45 -5.96 -11.48
C ASP B 316 -8.50 -6.21 -12.99
N ALA B 317 -7.35 -6.18 -13.63
CA ALA B 317 -7.27 -6.48 -15.06
C ALA B 317 -7.57 -7.95 -15.33
N THR B 318 -6.91 -8.83 -14.61
CA THR B 318 -7.06 -10.28 -14.80
C THR B 318 -8.39 -10.80 -14.26
N SER B 319 -8.77 -10.35 -13.07
CA SER B 319 -10.01 -10.79 -12.42
C SER B 319 -11.24 -10.55 -13.28
N TYR B 320 -11.38 -9.32 -13.76
CA TYR B 320 -12.51 -8.94 -14.61
C TYR B 320 -12.01 -8.62 -16.02
N LEU B 321 -11.46 -9.62 -16.71
CA LEU B 321 -10.77 -9.42 -17.98
C LEU B 321 -11.67 -8.90 -19.11
N LYS B 322 -12.77 -9.59 -19.37
CA LYS B 322 -13.70 -9.22 -20.45
C LYS B 322 -14.12 -7.75 -20.38
N GLN B 323 -14.57 -7.34 -19.21
CA GLN B 323 -15.05 -5.98 -18.98
C GLN B 323 -13.92 -4.98 -19.17
N ALA B 324 -12.70 -5.39 -18.84
CA ALA B 324 -11.52 -4.57 -19.06
C ALA B 324 -11.27 -4.36 -20.55
N LYS B 325 -11.32 -5.44 -21.32
CA LYS B 325 -11.22 -5.39 -22.78
C LYS B 325 -12.23 -4.41 -23.37
N GLN B 326 -13.49 -4.58 -22.98
CA GLN B 326 -14.59 -3.72 -23.45
C GLN B 326 -14.29 -2.25 -23.12
N LEU B 327 -13.91 -2.00 -21.86
CA LEU B 327 -13.58 -0.67 -21.39
C LEU B 327 -12.48 -0.03 -22.25
N THR B 328 -11.33 -0.68 -22.29
CA THR B 328 -10.17 -0.17 -23.03
C THR B 328 -10.48 0.11 -24.50
N GLN B 329 -11.24 -0.77 -25.14
CA GLN B 329 -11.62 -0.53 -26.53
C GLN B 329 -12.52 0.71 -26.64
N GLY B 330 -13.45 0.85 -25.70
CA GLY B 330 -14.27 2.05 -25.62
C GLY B 330 -13.41 3.31 -25.54
N LEU B 331 -12.48 3.32 -24.59
CA LEU B 331 -11.54 4.42 -24.41
C LEU B 331 -10.77 4.72 -25.70
N ALA B 332 -10.38 3.66 -26.41
CA ALA B 332 -9.72 3.81 -27.70
C ALA B 332 -10.61 4.60 -28.64
N THR B 333 -11.89 4.26 -28.69
CA THR B 333 -12.83 5.02 -29.50
C THR B 333 -12.98 6.46 -29.02
N LEU B 334 -12.83 6.69 -27.71
CA LEU B 334 -12.97 8.04 -27.16
C LEU B 334 -11.65 8.81 -27.12
N HIS B 335 -10.63 8.28 -27.79
CA HIS B 335 -9.30 8.89 -27.84
C HIS B 335 -8.69 9.13 -26.45
N CYS B 336 -8.88 8.14 -25.57
CA CYS B 336 -8.20 8.14 -24.28
C CYS B 336 -7.25 6.95 -24.24
N GLN B 337 -6.39 6.91 -23.23
CA GLN B 337 -5.37 5.87 -23.18
C GLN B 337 -5.47 5.01 -21.93
N ALA B 338 -5.13 3.72 -22.07
CA ALA B 338 -5.20 2.79 -20.96
C ALA B 338 -3.81 2.50 -20.39
N ALA B 339 -3.78 2.22 -19.09
CA ALA B 339 -2.54 1.87 -18.40
C ALA B 339 -2.79 0.80 -17.34
N ILE B 340 -1.87 -0.16 -17.24
CA ILE B 340 -1.97 -1.22 -16.24
C ILE B 340 -0.85 -1.11 -15.20
N SER B 341 -1.25 -0.91 -13.94
CA SER B 341 -0.28 -0.76 -12.84
C SER B 341 -0.09 -2.07 -12.09
N GLN B 342 0.97 -2.12 -11.28
CA GLN B 342 1.35 -3.35 -10.55
C GLN B 342 1.49 -4.55 -11.49
N PHE B 343 2.13 -4.34 -12.63
CA PHE B 343 2.29 -5.38 -13.64
C PHE B 343 3.44 -6.34 -13.33
N GLY B 344 3.27 -7.60 -13.75
CA GLY B 344 4.34 -8.59 -13.64
C GLY B 344 4.22 -9.53 -12.46
N CYS B 345 3.03 -9.60 -11.87
CA CYS B 345 2.83 -10.43 -10.68
C CYS B 345 2.00 -11.69 -10.96
N SER B 346 0.99 -11.56 -11.81
CA SER B 346 0.17 -12.72 -12.18
C SER B 346 1.00 -13.84 -12.80
N LEU B 347 0.50 -15.07 -12.70
CA LEU B 347 1.24 -16.26 -13.12
C LEU B 347 1.81 -16.14 -14.53
N ASN B 348 0.97 -15.69 -15.46
CA ASN B 348 1.43 -15.34 -16.80
C ASN B 348 0.92 -13.94 -17.15
N PRO B 349 1.73 -12.92 -16.79
CA PRO B 349 1.32 -11.51 -16.82
C PRO B 349 1.00 -11.01 -18.23
N PHE B 350 1.59 -11.67 -19.23
CA PHE B 350 1.50 -11.21 -20.61
C PHE B 350 0.25 -11.67 -21.37
N ASN B 351 -0.27 -12.85 -21.02
CA ASN B 351 -1.51 -13.35 -21.63
C ASN B 351 -2.62 -12.31 -21.59
N ALA B 352 -2.82 -11.73 -20.41
CA ALA B 352 -3.80 -10.66 -20.19
C ALA B 352 -3.74 -9.58 -21.27
N LEU B 353 -2.53 -9.22 -21.67
CA LEU B 353 -2.33 -8.18 -22.68
C LEU B 353 -2.99 -8.47 -24.04
N LYS B 354 -2.97 -9.73 -24.46
CA LYS B 354 -3.33 -10.07 -25.85
C LYS B 354 -4.70 -9.56 -26.30
N HIS B 355 -5.55 -9.19 -25.35
CA HIS B 355 -6.95 -8.89 -25.65
C HIS B 355 -7.32 -7.42 -25.44
N LEU B 356 -6.75 -6.77 -24.44
CA LEU B 356 -7.05 -5.37 -24.19
C LEU B 356 -6.11 -4.38 -24.88
N THR B 357 -6.61 -3.17 -25.10
CA THR B 357 -5.84 -2.12 -25.77
C THR B 357 -5.20 -1.19 -24.76
N VAL B 358 -3.93 -1.45 -24.43
CA VAL B 358 -3.20 -0.67 -23.43
C VAL B 358 -1.89 -0.13 -23.99
N GLN B 359 -1.59 1.14 -23.73
CA GLN B 359 -0.35 1.77 -24.21
C GLN B 359 0.75 1.71 -23.15
N PHE B 360 0.41 2.09 -21.93
CA PHE B 360 1.38 2.15 -20.84
C PHE B 360 1.29 0.93 -19.92
N ILE B 361 2.43 0.34 -19.59
CA ILE B 361 2.47 -0.70 -18.56
C ILE B 361 3.34 -0.22 -17.40
N LYS B 362 2.78 -0.18 -16.20
CA LYS B 362 3.52 0.28 -15.02
C LYS B 362 3.95 -0.92 -14.18
N ILE B 363 5.24 -1.22 -14.25
CA ILE B 363 5.83 -2.38 -13.57
C ILE B 363 5.62 -2.31 -12.04
N ASP B 364 5.26 -3.44 -11.45
CA ASP B 364 5.07 -3.54 -10.00
C ASP B 364 6.38 -3.25 -9.28
N GLY B 365 6.29 -2.59 -8.11
CA GLY B 365 7.47 -2.19 -7.37
C GLY B 365 8.34 -3.33 -6.87
N SER B 366 7.85 -4.55 -6.97
CA SER B 366 8.60 -5.73 -6.54
C SER B 366 9.86 -5.97 -7.38
N PHE B 367 9.84 -5.54 -8.63
CA PHE B 367 10.99 -5.71 -9.52
C PHE B 367 12.09 -4.70 -9.21
N VAL B 368 11.70 -3.61 -8.56
CA VAL B 368 12.64 -2.55 -8.18
C VAL B 368 13.26 -2.86 -6.82
N GLN B 369 12.83 -3.99 -6.23
CA GLN B 369 13.36 -4.44 -4.95
C GLN B 369 14.69 -5.18 -5.14
N ASP B 370 15.65 -4.93 -4.25
CA ASP B 370 16.95 -5.58 -4.29
C ASP B 370 17.66 -5.35 -5.63
N LEU B 371 17.89 -4.08 -5.96
CA LEU B 371 18.53 -3.72 -7.22
C LEU B 371 20.06 -3.80 -7.13
N ASN B 372 20.57 -3.79 -5.90
CA ASN B 372 22.01 -3.93 -5.68
C ASN B 372 22.57 -5.25 -6.19
N GLN B 373 21.69 -6.23 -6.37
CA GLN B 373 22.06 -7.51 -6.96
C GLN B 373 21.86 -7.46 -8.48
N VAL B 374 22.78 -8.08 -9.22
CA VAL B 374 22.78 -8.04 -10.68
C VAL B 374 21.67 -8.89 -11.31
N GLU B 375 21.43 -10.07 -10.73
CA GLU B 375 20.38 -10.97 -11.21
C GLU B 375 19.04 -10.24 -11.36
N ASN B 376 18.66 -9.53 -10.30
CA ASN B 376 17.44 -8.73 -10.29
C ASN B 376 17.37 -7.72 -11.43
N GLN B 377 18.48 -7.00 -11.64
CA GLN B 377 18.59 -6.04 -12.74
C GLN B 377 18.31 -6.76 -14.05
N GLU B 378 18.91 -7.94 -14.22
CA GLU B 378 18.69 -8.73 -15.42
C GLU B 378 17.23 -9.12 -15.60
N ILE B 379 16.55 -9.49 -14.50
CA ILE B 379 15.12 -9.79 -14.51
C ILE B 379 14.34 -8.59 -15.06
N LEU B 380 14.60 -7.42 -14.46
CA LEU B 380 13.94 -6.18 -14.87
C LEU B 380 14.14 -5.89 -16.35
N LYS B 381 15.40 -5.93 -16.79
CA LYS B 381 15.76 -5.68 -18.18
C LYS B 381 15.01 -6.62 -19.11
N GLY B 382 14.96 -7.90 -18.73
CA GLY B 382 14.21 -8.89 -19.50
C GLY B 382 12.74 -8.52 -19.63
N LEU B 383 12.11 -8.18 -18.51
CA LEU B 383 10.71 -7.76 -18.49
C LEU B 383 10.47 -6.58 -19.44
N ILE B 384 11.19 -5.49 -19.19
CA ILE B 384 11.05 -4.26 -19.97
C ILE B 384 11.28 -4.50 -21.46
N ALA B 385 12.24 -5.36 -21.78
CA ALA B 385 12.51 -5.72 -23.17
C ALA B 385 11.31 -6.44 -23.79
N GLU B 386 10.79 -7.44 -23.07
CA GLU B 386 9.59 -8.15 -23.51
C GLU B 386 8.45 -7.19 -23.79
N LEU B 387 8.29 -6.20 -22.90
CA LEU B 387 7.26 -5.18 -23.07
C LEU B 387 7.53 -4.29 -24.27
N HIS B 388 8.80 -4.09 -24.59
CA HIS B 388 9.20 -3.23 -25.70
C HIS B 388 8.92 -3.92 -27.04
N GLU B 389 9.06 -5.24 -27.07
CA GLU B 389 8.67 -6.00 -28.25
C GLU B 389 7.18 -5.85 -28.54
N GLN B 390 6.40 -5.66 -27.47
CA GLN B 390 4.95 -5.53 -27.58
C GLN B 390 4.53 -4.08 -27.76
N GLN B 391 5.48 -3.23 -28.15
CA GLN B 391 5.31 -1.77 -28.20
C GLN B 391 4.46 -1.19 -27.06
N LYS B 392 4.83 -1.53 -25.83
CA LYS B 392 4.22 -0.94 -24.65
C LYS B 392 5.21 0.02 -24.01
N LEU B 393 4.69 1.01 -23.30
CA LEU B 393 5.56 2.00 -22.67
C LEU B 393 5.81 1.65 -21.21
N SER B 394 7.04 1.26 -20.90
CA SER B 394 7.39 0.84 -19.55
C SER B 394 7.52 2.02 -18.59
N ILE B 395 6.69 2.02 -17.57
CA ILE B 395 6.82 2.96 -16.45
C ILE B 395 7.36 2.18 -15.26
N VAL B 396 8.43 2.68 -14.64
CA VAL B 396 8.97 2.03 -13.45
C VAL B 396 8.95 3.01 -12.28
N PRO B 397 8.28 2.63 -11.19
CA PRO B 397 8.13 3.55 -10.05
C PRO B 397 9.24 3.40 -9.04
N PHE B 398 9.19 4.21 -8.00
CA PHE B 398 10.15 4.15 -6.89
C PHE B 398 11.60 4.40 -7.31
N VAL B 399 11.86 5.57 -7.90
CA VAL B 399 13.23 6.01 -8.14
C VAL B 399 13.64 6.86 -6.95
N GLU B 400 14.45 6.29 -6.05
CA GLU B 400 14.77 6.96 -4.79
C GLU B 400 16.20 7.47 -4.67
N SER B 401 16.95 7.41 -5.77
CA SER B 401 18.30 7.98 -5.82
C SER B 401 18.76 8.09 -7.26
N ALA B 402 19.79 8.90 -7.50
CA ALA B 402 20.37 9.02 -8.84
C ALA B 402 20.87 7.67 -9.33
N SER B 403 21.48 6.90 -8.41
CA SER B 403 21.92 5.54 -8.69
C SER B 403 20.82 4.66 -9.28
N VAL B 404 19.66 4.65 -8.61
CA VAL B 404 18.50 3.90 -9.08
C VAL B 404 18.06 4.36 -10.47
N LEU B 405 18.06 5.68 -10.68
CA LEU B 405 17.71 6.25 -11.99
C LEU B 405 18.64 5.68 -13.06
N ALA B 406 19.93 5.67 -12.77
CA ALA B 406 20.92 5.08 -13.66
C ALA B 406 20.57 3.63 -13.99
N THR B 407 20.37 2.82 -12.94
CA THR B 407 20.02 1.41 -13.10
C THR B 407 18.81 1.22 -14.01
N LEU B 408 17.81 2.07 -13.83
CA LEU B 408 16.58 1.97 -14.60
C LEU B 408 16.75 2.42 -16.06
N TRP B 409 17.63 3.40 -16.28
CA TRP B 409 17.94 3.79 -17.65
C TRP B 409 18.62 2.64 -18.36
N GLN B 410 19.57 2.01 -17.67
CA GLN B 410 20.25 0.83 -18.21
C GLN B 410 19.26 -0.29 -18.50
N ALA B 411 18.26 -0.45 -17.63
CA ALA B 411 17.25 -1.47 -17.79
C ALA B 411 16.38 -1.23 -19.03
N GLY B 412 16.23 0.03 -19.41
CA GLY B 412 15.50 0.36 -20.62
C GLY B 412 14.10 0.89 -20.39
N ALA B 413 13.82 1.34 -19.18
CA ALA B 413 12.52 1.91 -18.87
C ALA B 413 12.25 3.18 -19.68
N THR B 414 11.12 3.22 -20.36
CA THR B 414 10.77 4.37 -21.19
C THR B 414 10.15 5.49 -20.36
N TYR B 415 9.63 5.13 -19.19
CA TYR B 415 9.15 6.11 -18.23
C TYR B 415 9.62 5.77 -16.82
N ILE B 416 9.52 6.76 -15.93
CA ILE B 416 10.16 6.65 -14.62
C ILE B 416 9.47 7.58 -13.63
N GLN B 417 9.37 7.14 -12.37
CA GLN B 417 8.64 7.89 -11.35
C GLN B 417 9.24 7.66 -9.98
N GLY B 418 9.37 8.71 -9.17
CA GLY B 418 9.97 8.58 -7.86
C GLY B 418 10.04 9.86 -7.05
N TYR B 419 10.36 9.73 -5.77
CA TYR B 419 10.49 10.86 -4.87
C TYR B 419 11.74 11.66 -5.19
N TYR B 420 12.80 10.96 -5.58
CA TYR B 420 14.05 11.60 -5.97
C TYR B 420 13.83 12.53 -7.16
N LEU B 421 12.80 12.23 -7.94
CA LEU B 421 12.41 13.10 -9.04
C LEU B 421 11.47 14.17 -8.50
N GLN B 422 10.38 13.71 -7.90
CA GLN B 422 9.42 14.54 -7.17
C GLN B 422 8.32 13.69 -6.57
N GLY B 423 8.08 13.87 -5.27
CA GLY B 423 7.01 13.15 -4.61
C GLY B 423 5.66 13.76 -4.93
N PRO B 424 4.58 13.14 -4.42
CA PRO B 424 3.23 13.67 -4.66
C PRO B 424 3.12 15.10 -4.13
N SER B 425 2.65 16.03 -4.97
CA SER B 425 2.58 17.43 -4.57
C SER B 425 1.22 18.04 -4.82
N GLN B 426 0.96 19.19 -4.18
CA GLN B 426 -0.30 19.90 -4.29
C GLN B 426 -0.52 20.44 -5.70
N ALA B 427 0.56 20.83 -6.35
CA ALA B 427 0.48 21.53 -7.63
C ALA B 427 1.25 20.85 -8.75
N MET B 428 0.67 20.86 -9.96
CA MET B 428 1.38 20.43 -11.15
C MET B 428 2.49 21.44 -11.45
N ASP B 429 3.58 21.34 -10.69
CA ASP B 429 4.61 22.36 -10.64
C ASP B 429 5.87 21.97 -11.41
N TYR B 430 6.15 20.66 -11.43
CA TYR B 430 7.41 20.11 -11.93
C TYR B 430 7.92 20.69 -13.24
N ASP B 431 9.20 21.08 -13.26
CA ASP B 431 9.85 21.56 -14.48
C ASP B 431 10.37 20.37 -15.28
N PHE B 432 9.77 20.13 -16.44
CA PHE B 432 10.05 18.94 -17.23
C PHE B 432 11.23 19.11 -18.18
N SER B 433 11.94 20.23 -18.07
CA SER B 433 13.04 20.53 -18.98
C SER B 433 14.42 20.50 -18.31
#